data_3OJD
#
_entry.id   3OJD
#
_cell.length_a   41.190
_cell.length_b   63.71
_cell.length_c   164.020
_cell.angle_alpha   90.00
_cell.angle_beta   90.00
_cell.angle_gamma   90.00
#
_symmetry.space_group_name_H-M   'P 21 21 21'
#
loop_
_entity.id
_entity.type
_entity.pdbx_description
1 polymer 'Fab V2D2'
2 polymer 'Fab V2D2'
3 water water
#
loop_
_entity_poly.entity_id
_entity_poly.type
_entity_poly.pdbx_seq_one_letter_code
_entity_poly.pdbx_strand_id
1 'polypeptide(L)'
;DIVMTQTPASLSASVGESVTITCKASGNIHNYLAWYQQKGGKSPQLLVFNASTLADGVPSRFSGSGSGTQYSLKINSLQP
EDFGSYYCQHFWSTPFTFGTGTNLEIKRADAAPTVSIFPPSSEQLTSGGASVVCFLNNFYPKDINVKWKIDGSERQGGVL
NSWTDQDSKDSTYSMSSTLTLTKDEYERHNSYTCEATHKTTTSPIVKSFNRNEC
;
A
2 'polypeptide(L)'
;DIKLVESGPELKKPGETVKISCKASGYIFTNYGMNWVKQAPGKGLKWMGWINTYTGEPTYSDDFKGRFVFSLETSVRTAY
LQINNLKNEDLATYFCARERDYGSRYRGYALDFWGQGTTVTVSSATTTPPSVYPLAPGSGAGTNSMVTLGCLVKGYFPEP
VTVTWNSGSLSSGVHTFPAVLQSDLYTLSSSVTVPSSTWPSETVTCNVAHPASSTKVDKKIVPR
;
B
#
# COMPACT_ATOMS: atom_id res chain seq x y z
N ASP A 1 28.36 -11.87 -8.50
CA ASP A 1 27.22 -11.28 -7.77
C ASP A 1 27.15 -11.84 -6.36
N ILE A 2 26.80 -10.99 -5.40
CA ILE A 2 26.68 -11.40 -4.02
C ILE A 2 25.20 -11.28 -3.66
N VAL A 3 24.64 -12.35 -3.12
CA VAL A 3 23.22 -12.35 -2.76
C VAL A 3 23.05 -12.27 -1.25
N MET A 4 21.96 -11.63 -0.81
CA MET A 4 21.69 -11.47 0.61
C MET A 4 20.56 -12.40 1.03
N THR A 5 20.77 -13.16 2.11
CA THR A 5 19.74 -14.07 2.63
C THR A 5 19.21 -13.47 3.92
N GLN A 6 17.98 -12.98 3.89
CA GLN A 6 17.36 -12.33 5.04
C GLN A 6 16.46 -13.28 5.85
N THR A 7 16.48 -13.11 7.17
CA THR A 7 15.69 -13.91 8.10
C THR A 7 15.26 -13.05 9.30
N PRO A 8 14.01 -13.23 9.78
CA PRO A 8 13.02 -14.17 9.26
C PRO A 8 12.12 -13.45 8.27
N ALA A 9 11.17 -14.18 7.66
CA ALA A 9 10.26 -13.58 6.70
C ALA A 9 9.31 -12.61 7.39
N SER A 10 8.83 -12.99 8.57
CA SER A 10 7.92 -12.13 9.30
C SER A 10 8.16 -12.20 10.80
N LEU A 11 7.74 -11.15 11.50
CA LEU A 11 7.90 -11.09 12.94
C LEU A 11 6.66 -10.45 13.53
N SER A 12 6.38 -10.78 14.78
CA SER A 12 5.25 -10.22 15.48
C SER A 12 5.65 -10.05 16.93
N ALA A 13 5.82 -8.81 17.37
CA ALA A 13 6.22 -8.54 18.74
C ALA A 13 5.43 -7.35 19.33
N SER A 14 5.31 -7.34 20.66
CA SER A 14 4.58 -6.28 21.36
C SER A 14 5.38 -5.02 21.61
N VAL A 15 4.67 -3.92 21.85
CA VAL A 15 5.31 -2.65 22.14
C VAL A 15 6.23 -2.87 23.35
N GLY A 16 7.41 -2.26 23.32
CA GLY A 16 8.35 -2.42 24.41
C GLY A 16 9.22 -3.65 24.25
N GLU A 17 8.85 -4.57 23.35
CA GLU A 17 9.66 -5.77 23.15
C GLU A 17 10.75 -5.51 22.13
N SER A 18 11.72 -6.43 22.09
CA SER A 18 12.85 -6.32 21.17
C SER A 18 12.82 -7.40 20.09
N VAL A 19 13.41 -7.09 18.94
CA VAL A 19 13.43 -8.03 17.82
C VAL A 19 14.74 -7.91 17.06
N THR A 20 15.14 -9.00 16.41
CA THR A 20 16.37 -8.99 15.65
C THR A 20 16.12 -9.55 14.25
N ILE A 21 16.64 -8.85 13.25
CA ILE A 21 16.50 -9.30 11.87
C ILE A 21 17.89 -9.64 11.37
N THR A 22 18.01 -10.77 10.67
CA THR A 22 19.30 -11.21 10.17
C THR A 22 19.41 -11.15 8.65
N CYS A 23 20.63 -10.97 8.19
CA CYS A 23 20.90 -10.87 6.77
C CYS A 23 22.32 -11.42 6.58
N LYS A 24 22.45 -12.47 5.78
CA LYS A 24 23.76 -13.05 5.53
C LYS A 24 24.12 -12.89 4.05
N ALA A 25 25.34 -12.42 3.79
CA ALA A 25 25.80 -12.23 2.42
C ALA A 25 26.47 -13.50 1.92
N SER A 26 26.34 -13.77 0.63
CA SER A 26 26.93 -14.96 0.03
C SER A 26 28.44 -14.83 -0.09
N GLY A 27 28.94 -13.63 0.19
CA GLY A 27 30.37 -13.37 0.13
C GLY A 27 30.67 -12.20 1.03
N ASN A 28 31.92 -12.11 1.48
CA ASN A 28 32.33 -11.03 2.37
C ASN A 28 32.04 -9.68 1.72
N ILE A 29 31.24 -8.86 2.40
CA ILE A 29 30.91 -7.53 1.89
C ILE A 29 31.53 -6.42 2.72
N HIS A 30 32.45 -6.79 3.59
CA HIS A 30 33.19 -5.85 4.43
C HIS A 30 32.42 -4.64 4.97
N ASN A 31 31.28 -4.88 5.60
CA ASN A 31 30.48 -3.82 6.20
C ASN A 31 29.76 -2.86 5.26
N TYR A 32 29.82 -3.10 3.96
CA TYR A 32 29.12 -2.24 3.02
C TYR A 32 27.68 -2.73 2.93
N LEU A 33 26.92 -2.45 3.99
CA LEU A 33 25.53 -2.86 4.06
C LEU A 33 24.69 -1.81 4.75
N ALA A 34 23.43 -1.72 4.33
CA ALA A 34 22.51 -0.75 4.92
C ALA A 34 21.18 -1.44 5.17
N TRP A 35 20.39 -0.87 6.07
CA TRP A 35 19.06 -1.39 6.38
C TRP A 35 18.04 -0.28 6.11
N TYR A 36 16.90 -0.66 5.54
CA TYR A 36 15.83 0.26 5.21
C TYR A 36 14.53 -0.17 5.85
N GLN A 37 13.63 0.78 6.07
CA GLN A 37 12.31 0.50 6.60
C GLN A 37 11.37 1.01 5.52
N GLN A 38 10.30 0.29 5.25
CA GLN A 38 9.34 0.72 4.24
C GLN A 38 7.91 0.52 4.71
N LYS A 39 7.13 1.59 4.66
CA LYS A 39 5.73 1.54 5.05
C LYS A 39 4.90 1.31 3.80
N GLY A 40 3.75 0.66 3.95
CA GLY A 40 2.90 0.38 2.81
C GLY A 40 2.71 1.60 1.93
N GLY A 41 3.07 1.46 0.65
CA GLY A 41 2.89 2.55 -0.29
C GLY A 41 3.66 3.82 0.04
N LYS A 42 4.97 3.67 0.25
CA LYS A 42 5.84 4.79 0.56
C LYS A 42 7.25 4.40 0.16
N SER A 43 8.12 5.37 -0.04
CA SER A 43 9.49 5.10 -0.42
C SER A 43 10.23 4.51 0.77
N PRO A 44 11.19 3.62 0.52
CA PRO A 44 11.93 3.05 1.65
C PRO A 44 12.66 4.18 2.37
N GLN A 45 12.95 3.98 3.65
CA GLN A 45 13.65 4.97 4.44
C GLN A 45 14.94 4.34 4.97
N LEU A 46 16.06 5.04 4.78
CA LEU A 46 17.36 4.53 5.24
C LEU A 46 17.46 4.60 6.77
N LEU A 47 17.76 3.47 7.38
CA LEU A 47 17.88 3.39 8.84
C LEU A 47 19.33 3.40 9.29
N VAL A 48 20.10 2.49 8.71
CA VAL A 48 21.51 2.31 9.05
C VAL A 48 22.34 2.08 7.79
N PHE A 49 23.54 2.63 7.76
CA PHE A 49 24.44 2.44 6.63
C PHE A 49 25.83 2.07 7.15
N ASN A 50 26.61 1.43 6.29
CA ASN A 50 27.94 0.97 6.66
C ASN A 50 27.82 0.03 7.85
N ALA A 51 26.79 -0.82 7.79
CA ALA A 51 26.52 -1.84 8.80
C ALA A 51 26.05 -1.38 10.18
N SER A 52 26.60 -0.29 10.71
CA SER A 52 26.20 0.15 12.04
C SER A 52 26.04 1.64 12.30
N THR A 53 26.16 2.45 11.25
CA THR A 53 26.02 3.89 11.44
C THR A 53 24.57 4.34 11.27
N LEU A 54 24.02 4.93 12.33
CA LEU A 54 22.63 5.40 12.31
C LEU A 54 22.45 6.60 11.40
N ALA A 55 21.48 6.52 10.49
CA ALA A 55 21.24 7.65 9.61
C ALA A 55 20.70 8.80 10.46
N ASP A 56 21.00 10.02 10.02
CA ASP A 56 20.55 11.22 10.73
C ASP A 56 19.02 11.18 10.92
N GLY A 57 18.57 11.53 12.13
CA GLY A 57 17.15 11.57 12.40
C GLY A 57 16.48 10.25 12.75
N VAL A 58 17.21 9.15 12.70
CA VAL A 58 16.65 7.84 13.02
C VAL A 58 16.79 7.52 14.51
N PRO A 59 15.70 7.05 15.15
CA PRO A 59 15.71 6.69 16.58
C PRO A 59 16.83 5.71 16.93
N SER A 60 17.48 5.92 18.07
CA SER A 60 18.58 5.04 18.48
C SER A 60 18.13 3.63 18.84
N ARG A 61 16.83 3.41 18.94
CA ARG A 61 16.36 2.07 19.26
C ARG A 61 16.71 1.14 18.10
N PHE A 62 17.05 1.72 16.96
CA PHE A 62 17.43 0.92 15.80
C PHE A 62 18.95 0.86 15.81
N SER A 63 19.51 -0.34 15.69
CA SER A 63 20.96 -0.47 15.65
C SER A 63 21.37 -1.62 14.74
N GLY A 64 22.49 -1.45 14.06
CA GLY A 64 22.98 -2.49 13.18
C GLY A 64 24.33 -3.00 13.65
N SER A 65 24.64 -4.24 13.29
CA SER A 65 25.92 -4.82 13.67
C SER A 65 26.27 -5.94 12.72
N GLY A 66 27.47 -6.48 12.86
CA GLY A 66 27.89 -7.58 12.02
C GLY A 66 29.20 -7.31 11.29
N SER A 67 29.73 -8.34 10.65
CA SER A 67 30.97 -8.22 9.89
C SER A 67 31.06 -9.39 8.92
N GLY A 68 31.92 -9.27 7.92
CA GLY A 68 32.07 -10.33 6.96
C GLY A 68 30.80 -10.61 6.18
N THR A 69 30.14 -11.71 6.51
CA THR A 69 28.91 -12.11 5.84
C THR A 69 27.68 -12.06 6.75
N GLN A 70 27.91 -11.95 8.07
CA GLN A 70 26.83 -11.92 9.05
C GLN A 70 26.47 -10.53 9.56
N TYR A 71 25.23 -10.13 9.32
CA TYR A 71 24.76 -8.82 9.76
C TYR A 71 23.40 -8.88 10.42
N SER A 72 23.19 -7.98 11.38
CA SER A 72 21.93 -7.93 12.12
C SER A 72 21.39 -6.53 12.32
N LEU A 73 20.07 -6.43 12.33
CA LEU A 73 19.37 -5.19 12.61
C LEU A 73 18.61 -5.50 13.88
N LYS A 74 18.83 -4.70 14.92
CA LYS A 74 18.12 -4.90 16.17
C LYS A 74 17.28 -3.68 16.49
N ILE A 75 16.02 -3.91 16.84
CA ILE A 75 15.11 -2.83 17.22
C ILE A 75 14.86 -2.97 18.72
N ASN A 76 15.30 -1.95 19.44
CA ASN A 76 15.21 -1.88 20.90
C ASN A 76 13.97 -1.18 21.44
N SER A 77 13.14 -1.94 22.14
CA SER A 77 11.92 -1.40 22.73
C SER A 77 11.01 -0.84 21.65
N LEU A 78 10.27 -1.73 21.01
CA LEU A 78 9.36 -1.37 19.93
C LEU A 78 8.33 -0.31 20.24
N GLN A 79 8.08 0.56 19.26
CA GLN A 79 7.09 1.62 19.35
C GLN A 79 5.96 1.19 18.42
N PRO A 80 4.73 1.66 18.67
CA PRO A 80 3.58 1.30 17.83
C PRO A 80 3.78 1.46 16.32
N GLU A 81 4.55 2.46 15.91
CA GLU A 81 4.75 2.71 14.49
C GLU A 81 5.96 2.02 13.85
N ASP A 82 6.52 1.04 14.55
CA ASP A 82 7.66 0.34 13.99
C ASP A 82 7.26 -0.80 13.07
N PHE A 83 5.95 -1.01 12.93
CA PHE A 83 5.48 -2.06 12.04
C PHE A 83 5.83 -1.64 10.61
N GLY A 84 5.98 -2.60 9.72
CA GLY A 84 6.32 -2.30 8.34
C GLY A 84 7.27 -3.36 7.83
N SER A 85 7.90 -3.08 6.69
CA SER A 85 8.85 -4.01 6.12
C SER A 85 10.27 -3.49 6.24
N TYR A 86 11.21 -4.40 6.51
CA TYR A 86 12.61 -4.04 6.64
C TYR A 86 13.46 -4.81 5.64
N TYR A 87 14.38 -4.10 5.00
CA TYR A 87 15.27 -4.69 3.99
C TYR A 87 16.73 -4.32 4.22
N CYS A 88 17.62 -5.28 3.96
CA CYS A 88 19.05 -5.04 4.05
C CYS A 88 19.50 -4.95 2.59
N GLN A 89 20.67 -4.38 2.36
CA GLN A 89 21.20 -4.23 1.00
C GLN A 89 22.70 -4.06 1.10
N HIS A 90 23.45 -4.72 0.21
CA HIS A 90 24.89 -4.55 0.24
C HIS A 90 25.29 -3.73 -0.98
N PHE A 91 26.48 -3.15 -0.94
CA PHE A 91 26.95 -2.37 -2.06
C PHE A 91 28.45 -2.53 -2.23
N TRP A 92 28.96 -3.73 -1.98
CA TRP A 92 30.39 -3.93 -2.13
C TRP A 92 30.81 -3.99 -3.58
N SER A 93 29.96 -4.62 -4.40
CA SER A 93 30.22 -4.73 -5.82
C SER A 93 28.87 -4.89 -6.49
N THR A 94 28.71 -4.31 -7.66
CA THR A 94 27.44 -4.43 -8.37
C THR A 94 27.28 -5.89 -8.79
N PRO A 95 26.04 -6.40 -8.77
CA PRO A 95 24.84 -5.67 -8.35
C PRO A 95 24.72 -5.45 -6.84
N PHE A 96 24.13 -4.32 -6.45
CA PHE A 96 23.93 -3.94 -5.06
C PHE A 96 22.57 -4.50 -4.63
N THR A 97 22.53 -5.81 -4.38
CA THR A 97 21.28 -6.51 -4.06
C THR A 97 20.67 -6.35 -2.68
N PHE A 98 19.34 -6.40 -2.63
CA PHE A 98 18.59 -6.28 -1.39
C PHE A 98 18.25 -7.67 -0.86
N GLY A 99 17.98 -7.77 0.43
CA GLY A 99 17.59 -9.04 1.00
C GLY A 99 16.11 -9.19 0.69
N THR A 100 15.55 -10.36 0.96
CA THR A 100 14.14 -10.65 0.68
C THR A 100 13.13 -9.83 1.47
N GLY A 101 13.55 -9.29 2.61
CA GLY A 101 12.66 -8.49 3.41
C GLY A 101 12.05 -9.22 4.60
N THR A 102 11.71 -8.45 5.63
CA THR A 102 11.09 -8.99 6.83
C THR A 102 9.91 -8.11 7.16
N ASN A 103 8.74 -8.71 7.31
CA ASN A 103 7.55 -7.94 7.65
C ASN A 103 7.38 -7.96 9.16
N LEU A 104 7.31 -6.77 9.76
CA LEU A 104 7.15 -6.68 11.20
C LEU A 104 5.76 -6.19 11.55
N GLU A 105 5.09 -6.94 12.40
CA GLU A 105 3.75 -6.58 12.85
C GLU A 105 3.86 -6.29 14.35
N ILE A 106 3.12 -5.30 14.84
CA ILE A 106 3.16 -5.01 16.27
C ILE A 106 2.08 -5.88 16.88
N LYS A 107 2.49 -6.73 17.83
CA LYS A 107 1.53 -7.61 18.48
C LYS A 107 0.75 -6.82 19.51
N ARG A 108 -0.55 -7.03 19.57
CA ARG A 108 -1.39 -6.34 20.54
C ARG A 108 -2.46 -7.29 21.06
N ALA A 109 -3.28 -6.83 21.98
CA ALA A 109 -4.35 -7.67 22.54
C ALA A 109 -5.38 -7.99 21.46
N ASP A 110 -5.88 -9.21 21.46
CA ASP A 110 -6.89 -9.60 20.48
C ASP A 110 -8.08 -8.68 20.66
N ALA A 111 -8.72 -8.33 19.54
CA ALA A 111 -9.88 -7.46 19.55
C ALA A 111 -10.87 -7.95 18.51
N ALA A 112 -12.13 -8.01 18.89
CA ALA A 112 -13.19 -8.46 18.00
C ALA A 112 -13.53 -7.33 17.05
N PRO A 113 -13.89 -7.66 15.81
CA PRO A 113 -14.23 -6.59 14.87
C PRO A 113 -15.54 -5.92 15.25
N THR A 114 -15.69 -4.66 14.84
CA THR A 114 -16.91 -3.91 15.05
C THR A 114 -17.54 -3.94 13.66
N VAL A 115 -18.68 -4.63 13.52
CA VAL A 115 -19.33 -4.78 12.22
C VAL A 115 -20.44 -3.81 11.85
N SER A 116 -20.39 -3.31 10.61
CA SER A 116 -21.39 -2.40 10.07
C SER A 116 -21.84 -2.92 8.70
N ILE A 117 -23.15 -2.99 8.46
CA ILE A 117 -23.63 -3.48 7.17
C ILE A 117 -24.32 -2.34 6.40
N PHE A 118 -24.20 -2.34 5.08
CA PHE A 118 -24.81 -1.29 4.28
C PHE A 118 -25.57 -1.80 3.05
N PRO A 119 -26.86 -1.47 2.97
CA PRO A 119 -27.67 -1.91 1.82
C PRO A 119 -27.24 -1.14 0.56
N PRO A 120 -27.59 -1.64 -0.63
CA PRO A 120 -27.20 -0.94 -1.86
C PRO A 120 -27.76 0.47 -1.85
N SER A 121 -27.04 1.43 -2.44
CA SER A 121 -27.50 2.80 -2.49
C SER A 121 -28.58 2.97 -3.55
N SER A 122 -29.41 3.98 -3.40
CA SER A 122 -30.47 4.23 -4.36
C SER A 122 -29.88 4.54 -5.73
N GLU A 123 -28.74 5.22 -5.77
CA GLU A 123 -28.16 5.54 -7.07
C GLU A 123 -27.45 4.37 -7.76
N GLN A 124 -27.13 3.31 -7.02
CA GLN A 124 -26.51 2.16 -7.67
C GLN A 124 -27.64 1.30 -8.23
N LEU A 125 -28.73 1.19 -7.49
CA LEU A 125 -29.87 0.39 -7.93
C LEU A 125 -30.47 0.93 -9.23
N THR A 126 -30.53 2.26 -9.35
CA THR A 126 -31.08 2.87 -10.56
C THR A 126 -30.19 2.47 -11.74
N SER A 127 -28.92 2.18 -11.45
CA SER A 127 -27.99 1.78 -12.50
C SER A 127 -28.08 0.29 -12.83
N GLY A 128 -28.95 -0.42 -12.11
CA GLY A 128 -29.12 -1.85 -12.37
C GLY A 128 -28.23 -2.78 -11.56
N GLY A 129 -27.40 -2.22 -10.68
CA GLY A 129 -26.52 -3.05 -9.88
C GLY A 129 -26.87 -2.95 -8.41
N ALA A 130 -26.34 -3.87 -7.61
CA ALA A 130 -26.62 -3.86 -6.17
C ALA A 130 -25.50 -4.50 -5.36
N SER A 131 -24.74 -3.65 -4.69
CA SER A 131 -23.64 -4.12 -3.85
C SER A 131 -24.04 -3.92 -2.40
N VAL A 132 -23.83 -4.96 -1.60
CA VAL A 132 -24.13 -4.92 -0.18
C VAL A 132 -22.75 -4.88 0.45
N VAL A 133 -22.50 -3.89 1.29
CA VAL A 133 -21.19 -3.75 1.91
C VAL A 133 -21.16 -4.00 3.40
N CYS A 134 -20.04 -4.55 3.85
CA CYS A 134 -19.89 -4.84 5.25
C CYS A 134 -18.49 -4.46 5.72
N PHE A 135 -18.42 -3.62 6.75
CA PHE A 135 -17.14 -3.22 7.31
C PHE A 135 -16.90 -3.98 8.61
N LEU A 136 -15.70 -4.52 8.75
CA LEU A 136 -15.29 -5.24 9.95
C LEU A 136 -14.07 -4.41 10.39
N ASN A 137 -14.31 -3.49 11.31
CA ASN A 137 -13.27 -2.56 11.75
C ASN A 137 -12.57 -2.80 13.09
N ASN A 138 -11.30 -2.40 13.11
CA ASN A 138 -10.43 -2.48 14.28
C ASN A 138 -10.36 -3.79 15.04
N PHE A 139 -9.85 -4.83 14.37
CA PHE A 139 -9.70 -6.13 15.01
C PHE A 139 -8.25 -6.59 14.96
N TYR A 140 -7.94 -7.59 15.79
CA TYR A 140 -6.63 -8.22 15.87
C TYR A 140 -6.92 -9.60 16.45
N PRO A 141 -6.28 -10.67 15.91
CA PRO A 141 -5.31 -10.68 14.81
C PRO A 141 -5.91 -10.46 13.42
N LYS A 142 -5.05 -10.32 12.42
CA LYS A 142 -5.49 -10.05 11.05
C LYS A 142 -6.43 -11.10 10.46
N ASP A 143 -6.16 -12.36 10.76
CA ASP A 143 -6.97 -13.48 10.26
C ASP A 143 -8.44 -13.33 10.64
N ILE A 144 -9.30 -13.35 9.64
CA ILE A 144 -10.74 -13.24 9.87
C ILE A 144 -11.47 -13.79 8.65
N ASN A 145 -12.68 -14.30 8.85
CA ASN A 145 -13.46 -14.85 7.76
C ASN A 145 -14.84 -14.22 7.74
N VAL A 146 -15.31 -13.87 6.55
CA VAL A 146 -16.62 -13.27 6.38
C VAL A 146 -17.46 -14.16 5.48
N LYS A 147 -18.71 -14.40 5.90
CA LYS A 147 -19.61 -15.23 5.13
C LYS A 147 -20.85 -14.42 4.84
N TRP A 148 -21.30 -14.45 3.59
CA TRP A 148 -22.50 -13.73 3.20
C TRP A 148 -23.68 -14.68 3.10
N LYS A 149 -24.84 -14.24 3.58
CA LYS A 149 -26.04 -15.04 3.51
C LYS A 149 -27.22 -14.27 2.93
N ILE A 150 -27.87 -14.87 1.92
CA ILE A 150 -29.02 -14.26 1.29
C ILE A 150 -30.22 -15.12 1.70
N ASP A 151 -31.13 -14.53 2.46
CA ASP A 151 -32.29 -15.26 2.96
C ASP A 151 -31.85 -16.49 3.73
N GLY A 152 -30.75 -16.38 4.46
CA GLY A 152 -30.25 -17.48 5.27
C GLY A 152 -29.28 -18.45 4.61
N SER A 153 -29.14 -18.38 3.29
CA SER A 153 -28.24 -19.28 2.58
C SER A 153 -26.94 -18.60 2.18
N GLU A 154 -25.83 -19.25 2.52
CA GLU A 154 -24.51 -18.71 2.20
C GLU A 154 -24.33 -18.49 0.70
N ARG A 155 -23.66 -17.40 0.36
CA ARG A 155 -23.40 -17.04 -1.03
C ARG A 155 -21.89 -16.82 -1.16
N GLN A 156 -21.23 -17.63 -1.97
CA GLN A 156 -19.79 -17.51 -2.16
C GLN A 156 -19.46 -17.38 -3.65
N GLY A 157 -19.69 -16.17 -4.16
CA GLY A 157 -19.45 -15.83 -5.54
C GLY A 157 -19.86 -14.38 -5.67
N GLY A 158 -19.02 -13.55 -6.28
CA GLY A 158 -19.36 -12.14 -6.40
C GLY A 158 -18.98 -11.36 -5.16
N VAL A 159 -18.09 -11.94 -4.36
CA VAL A 159 -17.63 -11.31 -3.12
C VAL A 159 -16.21 -10.82 -3.25
N LEU A 160 -15.96 -9.58 -2.85
CA LEU A 160 -14.61 -9.01 -2.90
C LEU A 160 -14.20 -8.47 -1.53
N ASN A 161 -13.10 -9.01 -0.99
CA ASN A 161 -12.60 -8.59 0.32
C ASN A 161 -11.27 -7.86 0.21
N SER A 162 -11.10 -6.87 1.10
CA SER A 162 -9.88 -6.08 1.13
C SER A 162 -9.51 -5.71 2.57
N TRP A 163 -8.28 -6.03 2.96
CA TRP A 163 -7.77 -5.76 4.30
C TRP A 163 -6.89 -4.51 4.29
N THR A 164 -6.92 -3.76 5.38
CA THR A 164 -6.07 -2.58 5.49
C THR A 164 -4.75 -3.08 6.05
N ASP A 165 -3.76 -2.20 6.11
CA ASP A 165 -2.47 -2.55 6.70
C ASP A 165 -2.69 -2.29 8.19
N GLN A 166 -1.70 -2.61 9.01
CA GLN A 166 -1.84 -2.39 10.44
C GLN A 166 -1.94 -0.91 10.78
N ASP A 167 -2.84 -0.59 11.71
CA ASP A 167 -3.06 0.79 12.13
C ASP A 167 -1.89 1.31 12.95
N SER A 168 -1.35 2.44 12.54
CA SER A 168 -0.20 3.03 13.23
C SER A 168 -0.48 3.45 14.66
N LYS A 169 -1.74 3.73 14.98
CA LYS A 169 -2.08 4.15 16.32
C LYS A 169 -2.55 3.03 17.26
N ASP A 170 -3.58 2.30 16.90
CA ASP A 170 -4.07 1.24 17.78
C ASP A 170 -3.65 -0.18 17.39
N SER A 171 -2.85 -0.30 16.34
CA SER A 171 -2.32 -1.59 15.87
C SER A 171 -3.34 -2.63 15.40
N THR A 172 -4.57 -2.21 15.12
CA THR A 172 -5.58 -3.15 14.65
C THR A 172 -5.60 -3.19 13.14
N TYR A 173 -6.46 -4.06 12.61
CA TYR A 173 -6.64 -4.17 11.18
C TYR A 173 -8.12 -3.97 10.95
N SER A 174 -8.48 -3.71 9.70
CA SER A 174 -9.88 -3.54 9.33
C SER A 174 -10.00 -4.20 7.97
N MET A 175 -11.21 -4.63 7.62
CA MET A 175 -11.43 -5.26 6.32
C MET A 175 -12.84 -4.97 5.86
N SER A 176 -12.98 -4.80 4.54
CA SER A 176 -14.25 -4.52 3.91
C SER A 176 -14.66 -5.68 3.02
N SER A 177 -15.93 -6.05 3.07
CA SER A 177 -16.43 -7.13 2.23
C SER A 177 -17.63 -6.64 1.44
N THR A 178 -17.53 -6.75 0.11
CA THR A 178 -18.59 -6.31 -0.78
C THR A 178 -19.20 -7.47 -1.57
N LEU A 179 -20.52 -7.60 -1.47
CA LEU A 179 -21.26 -8.62 -2.19
C LEU A 179 -21.99 -7.90 -3.30
N THR A 180 -21.69 -8.25 -4.55
CA THR A 180 -22.35 -7.59 -5.67
C THR A 180 -23.26 -8.53 -6.45
N LEU A 181 -24.48 -8.05 -6.68
CA LEU A 181 -25.52 -8.79 -7.41
C LEU A 181 -26.13 -7.80 -8.40
N THR A 182 -27.04 -8.30 -9.24
CA THR A 182 -27.73 -7.40 -10.16
C THR A 182 -28.86 -6.87 -9.31
N LYS A 183 -29.43 -5.73 -9.69
CA LYS A 183 -30.54 -5.20 -8.93
C LYS A 183 -31.70 -6.20 -8.89
N ASP A 184 -31.90 -6.92 -9.99
CA ASP A 184 -32.97 -7.91 -10.07
C ASP A 184 -32.83 -8.96 -8.98
N GLU A 185 -31.66 -9.61 -8.91
CA GLU A 185 -31.49 -10.63 -7.90
C GLU A 185 -31.54 -10.04 -6.51
N TYR A 186 -31.04 -8.82 -6.35
CA TYR A 186 -31.07 -8.19 -5.05
C TYR A 186 -32.50 -8.02 -4.55
N GLU A 187 -33.36 -7.54 -5.43
CA GLU A 187 -34.76 -7.29 -5.06
C GLU A 187 -35.68 -8.50 -5.02
N ARG A 188 -35.20 -9.69 -5.36
CA ARG A 188 -36.09 -10.85 -5.30
C ARG A 188 -35.82 -11.62 -4.01
N HIS A 189 -34.99 -11.05 -3.14
CA HIS A 189 -34.67 -11.66 -1.86
C HIS A 189 -34.87 -10.61 -0.77
N ASN A 190 -34.92 -11.04 0.48
CA ASN A 190 -35.19 -10.10 1.55
C ASN A 190 -34.11 -9.86 2.60
N SER A 191 -33.63 -10.93 3.24
CA SER A 191 -32.63 -10.78 4.28
C SER A 191 -31.20 -10.92 3.76
N TYR A 192 -30.36 -9.98 4.15
CA TYR A 192 -28.96 -9.98 3.73
C TYR A 192 -28.14 -9.97 4.99
N THR A 193 -27.32 -11.01 5.15
CA THR A 193 -26.50 -11.16 6.34
C THR A 193 -25.01 -11.30 6.10
N CYS A 194 -24.26 -10.65 6.96
CA CYS A 194 -22.81 -10.63 6.94
C CYS A 194 -22.31 -11.21 8.26
N GLU A 195 -21.65 -12.36 8.21
CA GLU A 195 -21.15 -13.03 9.41
C GLU A 195 -19.63 -13.13 9.48
N ALA A 196 -19.05 -12.62 10.55
CA ALA A 196 -17.61 -12.67 10.73
C ALA A 196 -17.25 -13.70 11.78
N THR A 197 -16.31 -14.58 11.48
CA THR A 197 -15.87 -15.57 12.47
C THR A 197 -14.43 -15.14 12.73
N HIS A 198 -14.14 -14.86 13.98
CA HIS A 198 -12.83 -14.40 14.39
C HIS A 198 -12.45 -15.10 15.70
N LYS A 199 -11.15 -15.23 15.90
CA LYS A 199 -10.58 -15.85 17.09
C LYS A 199 -11.20 -15.33 18.39
N THR A 200 -11.66 -14.07 18.39
CA THR A 200 -12.25 -13.48 19.59
C THR A 200 -13.63 -13.99 20.00
N THR A 201 -14.28 -14.80 19.19
CA THR A 201 -15.58 -15.34 19.56
C THR A 201 -15.86 -16.73 18.96
N THR A 202 -16.52 -17.57 19.75
CA THR A 202 -16.84 -18.91 19.31
C THR A 202 -18.15 -18.93 18.51
N SER A 203 -18.75 -17.76 18.35
CA SER A 203 -20.00 -17.64 17.58
C SER A 203 -19.79 -16.53 16.56
N PRO A 204 -20.54 -16.55 15.45
CA PRO A 204 -20.33 -15.49 14.47
C PRO A 204 -20.69 -14.11 15.01
N ILE A 205 -19.97 -13.09 14.56
CA ILE A 205 -20.27 -11.72 14.95
C ILE A 205 -21.08 -11.30 13.73
N VAL A 206 -22.39 -11.15 13.92
CA VAL A 206 -23.28 -10.85 12.81
C VAL A 206 -23.89 -9.45 12.70
N LYS A 207 -24.38 -9.17 11.50
CA LYS A 207 -25.03 -7.91 11.17
C LYS A 207 -25.86 -8.22 9.95
N SER A 208 -27.12 -7.80 9.97
CA SER A 208 -28.02 -8.10 8.86
C SER A 208 -29.11 -7.04 8.74
N PHE A 209 -29.84 -7.06 7.63
CA PHE A 209 -30.95 -6.13 7.43
C PHE A 209 -31.90 -6.78 6.43
N ASN A 210 -33.19 -6.43 6.50
CA ASN A 210 -34.20 -6.96 5.59
C ASN A 210 -34.59 -5.88 4.61
N ARG A 211 -34.94 -6.28 3.39
CA ARG A 211 -35.27 -5.31 2.35
C ARG A 211 -36.38 -4.26 2.42
N ASN A 212 -36.54 -3.72 3.63
CA ASN A 212 -37.38 -2.53 3.81
C ASN A 212 -36.08 -1.67 3.89
N GLU A 213 -35.01 -2.43 3.66
CA GLU A 213 -33.63 -2.02 3.68
C GLU A 213 -33.26 -1.39 5.00
N CYS A 214 -33.77 -2.03 6.06
CA CYS A 214 -33.55 -1.61 7.43
C CYS A 214 -32.06 -1.49 7.70
N ASP B 1 16.10 19.81 2.01
CA ASP B 1 16.42 20.61 0.80
C ASP B 1 16.57 19.65 -0.36
N ILE B 2 17.22 18.52 -0.11
CA ILE B 2 17.41 17.50 -1.14
C ILE B 2 16.10 16.72 -1.31
N LYS B 3 15.68 16.54 -2.55
CA LYS B 3 14.49 15.74 -2.80
C LYS B 3 14.39 15.34 -4.27
N LEU B 4 13.89 14.13 -4.49
CA LEU B 4 13.75 13.58 -5.83
C LEU B 4 12.26 13.43 -6.07
N VAL B 5 11.77 14.02 -7.16
CA VAL B 5 10.36 13.91 -7.50
C VAL B 5 10.21 13.18 -8.83
N GLU B 6 9.40 12.13 -8.83
CA GLU B 6 9.17 11.32 -10.02
C GLU B 6 7.84 11.67 -10.69
N SER B 7 7.67 11.20 -11.92
CA SER B 7 6.45 11.45 -12.67
C SER B 7 5.30 10.59 -12.15
N GLY B 8 4.08 10.91 -12.60
CA GLY B 8 2.89 10.20 -12.15
C GLY B 8 2.71 8.78 -12.67
N PRO B 9 1.70 8.07 -12.14
CA PRO B 9 1.40 6.69 -12.53
C PRO B 9 1.16 6.52 -14.02
N GLU B 10 1.66 5.42 -14.57
CA GLU B 10 1.52 5.15 -16.00
C GLU B 10 0.69 3.90 -16.27
N LEU B 11 -0.03 3.95 -17.38
CA LEU B 11 -0.85 2.83 -17.82
C LEU B 11 -0.40 2.56 -19.25
N LYS B 12 0.17 1.38 -19.49
CA LYS B 12 0.64 1.04 -20.83
C LYS B 12 0.17 -0.36 -21.19
N LYS B 13 0.05 -0.61 -22.49
CA LYS B 13 -0.37 -1.92 -22.99
C LYS B 13 0.89 -2.76 -23.18
N PRO B 14 0.77 -4.09 -23.13
CA PRO B 14 1.94 -4.95 -23.31
C PRO B 14 2.57 -4.64 -24.67
N GLY B 15 3.90 -4.64 -24.73
CA GLY B 15 4.59 -4.36 -25.98
C GLY B 15 4.94 -2.88 -26.15
N GLU B 16 4.31 -2.03 -25.36
CA GLU B 16 4.56 -0.59 -25.43
C GLU B 16 5.77 -0.19 -24.61
N THR B 17 6.11 1.09 -24.68
CA THR B 17 7.25 1.64 -23.96
C THR B 17 6.79 2.70 -22.96
N VAL B 18 7.56 2.88 -21.88
CA VAL B 18 7.24 3.89 -20.88
C VAL B 18 8.54 4.53 -20.46
N LYS B 19 8.51 5.85 -20.24
CA LYS B 19 9.69 6.59 -19.82
C LYS B 19 9.33 7.31 -18.54
N ILE B 20 10.09 7.03 -17.47
CA ILE B 20 9.83 7.64 -16.17
C ILE B 20 10.89 8.70 -15.88
N SER B 21 10.48 9.81 -15.28
CA SER B 21 11.44 10.88 -14.96
C SER B 21 11.60 10.98 -13.44
N CYS B 22 12.75 11.51 -13.04
CA CYS B 22 13.12 11.69 -11.63
C CYS B 22 13.89 13.01 -11.53
N LYS B 23 13.20 14.05 -11.07
CA LYS B 23 13.76 15.40 -10.92
C LYS B 23 14.42 15.58 -9.56
N ALA B 24 15.70 15.95 -9.58
CA ALA B 24 16.45 16.15 -8.37
C ALA B 24 16.73 17.62 -8.10
N SER B 25 16.89 17.96 -6.82
CA SER B 25 17.20 19.32 -6.41
C SER B 25 17.77 19.32 -5.00
N GLY B 26 18.44 20.42 -4.65
CA GLY B 26 19.00 20.52 -3.31
C GLY B 26 20.44 20.11 -3.18
N TYR B 27 21.02 19.55 -4.24
CA TYR B 27 22.42 19.14 -4.19
C TYR B 27 23.03 19.17 -5.58
N ILE B 28 24.35 18.99 -5.64
CA ILE B 28 25.04 18.97 -6.92
C ILE B 28 24.73 17.63 -7.57
N PHE B 29 23.78 17.67 -8.49
CA PHE B 29 23.30 16.51 -9.22
C PHE B 29 24.41 15.63 -9.78
N THR B 30 25.45 16.27 -10.31
CA THR B 30 26.56 15.54 -10.92
C THR B 30 27.56 14.87 -9.99
N ASN B 31 27.37 15.01 -8.68
CA ASN B 31 28.28 14.39 -7.72
C ASN B 31 27.83 13.04 -7.17
N TYR B 32 26.55 12.72 -7.28
CA TYR B 32 26.05 11.45 -6.73
C TYR B 32 25.38 10.55 -7.74
N GLY B 33 25.73 9.25 -7.68
CA GLY B 33 25.13 8.29 -8.58
C GLY B 33 23.64 8.13 -8.29
N MET B 34 22.88 7.84 -9.34
CA MET B 34 21.44 7.65 -9.23
C MET B 34 21.13 6.16 -9.47
N ASN B 35 20.41 5.56 -8.51
CA ASN B 35 20.03 4.16 -8.59
C ASN B 35 18.54 3.99 -8.90
N TRP B 36 18.18 2.86 -9.50
CA TRP B 36 16.79 2.59 -9.81
C TRP B 36 16.40 1.28 -9.15
N VAL B 37 15.26 1.28 -8.48
CA VAL B 37 14.76 0.11 -7.80
C VAL B 37 13.33 -0.25 -8.18
N LYS B 38 13.12 -1.54 -8.40
CA LYS B 38 11.80 -2.06 -8.78
C LYS B 38 11.14 -2.79 -7.62
N GLN B 39 9.82 -2.71 -7.58
CA GLN B 39 9.05 -3.40 -6.55
C GLN B 39 7.67 -3.76 -7.08
N ALA B 40 7.47 -5.04 -7.40
CA ALA B 40 6.18 -5.51 -7.89
C ALA B 40 5.27 -5.58 -6.66
N PRO B 41 3.94 -5.44 -6.86
CA PRO B 41 2.99 -5.48 -5.75
C PRO B 41 3.21 -6.68 -4.82
N GLY B 42 3.28 -6.40 -3.52
CA GLY B 42 3.46 -7.46 -2.54
C GLY B 42 4.80 -8.17 -2.60
N LYS B 43 5.71 -7.66 -3.41
CA LYS B 43 7.03 -8.25 -3.54
C LYS B 43 8.07 -7.34 -2.88
N GLY B 44 9.33 -7.75 -2.93
CA GLY B 44 10.37 -6.96 -2.33
C GLY B 44 11.10 -6.08 -3.31
N LEU B 45 12.04 -5.28 -2.80
CA LEU B 45 12.83 -4.36 -3.61
C LEU B 45 13.86 -5.12 -4.46
N LYS B 46 14.00 -4.70 -5.71
CA LYS B 46 14.95 -5.31 -6.62
C LYS B 46 15.83 -4.23 -7.26
N TRP B 47 17.13 -4.29 -6.99
CA TRP B 47 18.06 -3.33 -7.56
C TRP B 47 18.13 -3.56 -9.06
N MET B 48 17.94 -2.49 -9.84
CA MET B 48 17.95 -2.58 -11.30
C MET B 48 19.31 -2.17 -11.87
N GLY B 49 19.95 -1.24 -11.18
CA GLY B 49 21.25 -0.74 -11.61
C GLY B 49 21.41 0.71 -11.19
N TRP B 50 22.40 1.39 -11.74
CA TRP B 50 22.61 2.79 -11.40
C TRP B 50 23.25 3.50 -12.58
N ILE B 51 23.18 4.83 -12.56
CA ILE B 51 23.75 5.61 -13.64
C ILE B 51 24.70 6.64 -13.07
N ASN B 52 25.88 6.72 -13.65
CA ASN B 52 26.90 7.68 -13.24
C ASN B 52 26.42 9.04 -13.71
N THR B 53 25.98 9.88 -12.78
CA THR B 53 25.47 11.19 -13.16
C THR B 53 26.51 12.11 -13.78
N TYR B 54 27.78 11.80 -13.59
CA TYR B 54 28.83 12.64 -14.16
C TYR B 54 29.20 12.27 -15.60
N THR B 55 29.19 10.97 -15.91
CA THR B 55 29.55 10.50 -17.26
C THR B 55 28.34 10.06 -18.10
N GLY B 56 27.26 9.70 -17.44
CA GLY B 56 26.07 9.25 -18.15
C GLY B 56 26.11 7.76 -18.38
N GLU B 57 27.21 7.12 -17.99
CA GLU B 57 27.36 5.69 -18.17
C GLU B 57 26.47 4.90 -17.22
N PRO B 58 25.62 4.01 -17.77
CA PRO B 58 24.74 3.21 -16.92
C PRO B 58 25.34 1.85 -16.60
N THR B 59 24.85 1.24 -15.53
CA THR B 59 25.28 -0.09 -15.13
C THR B 59 24.00 -0.83 -14.74
N TYR B 60 23.68 -1.88 -15.49
CA TYR B 60 22.47 -2.64 -15.24
C TYR B 60 22.71 -3.98 -14.58
N SER B 61 21.74 -4.39 -13.77
CA SER B 61 21.79 -5.69 -13.13
C SER B 61 21.57 -6.62 -14.32
N ASP B 62 22.18 -7.80 -14.31
CA ASP B 62 22.01 -8.74 -15.42
C ASP B 62 20.53 -9.08 -15.62
N ASP B 63 19.76 -8.93 -14.54
CA ASP B 63 18.33 -9.22 -14.59
C ASP B 63 17.56 -8.11 -15.29
N PHE B 64 18.25 -7.02 -15.61
CA PHE B 64 17.63 -5.88 -16.27
C PHE B 64 18.45 -5.43 -17.46
N LYS B 65 18.92 -6.40 -18.24
CA LYS B 65 19.69 -6.10 -19.43
C LYS B 65 18.77 -6.00 -20.65
N GLY B 66 19.21 -5.25 -21.64
CA GLY B 66 18.44 -5.11 -22.87
C GLY B 66 17.31 -4.12 -22.93
N ARG B 67 16.18 -4.47 -22.31
CA ARG B 67 14.96 -3.65 -22.31
C ARG B 67 14.91 -2.39 -21.47
N PHE B 68 15.87 -2.23 -20.56
CA PHE B 68 15.86 -1.06 -19.69
C PHE B 68 16.98 -0.09 -20.02
N VAL B 69 16.66 1.20 -20.03
CA VAL B 69 17.66 2.20 -20.33
C VAL B 69 17.60 3.42 -19.40
N PHE B 70 18.72 3.70 -18.73
CA PHE B 70 18.83 4.83 -17.83
C PHE B 70 19.43 5.96 -18.68
N SER B 71 18.94 7.18 -18.50
CA SER B 71 19.48 8.30 -19.24
C SER B 71 19.44 9.53 -18.36
N LEU B 72 20.00 10.63 -18.84
CA LEU B 72 20.03 11.87 -18.09
C LEU B 72 19.80 13.09 -18.95
N GLU B 73 19.56 14.21 -18.27
CA GLU B 73 19.40 15.52 -18.86
C GLU B 73 19.88 16.38 -17.70
N THR B 74 21.20 16.40 -17.56
CA THR B 74 21.85 17.14 -16.48
C THR B 74 21.39 18.59 -16.40
N SER B 75 21.16 19.21 -17.56
CA SER B 75 20.73 20.60 -17.61
C SER B 75 19.59 20.88 -16.64
N VAL B 76 18.68 19.91 -16.51
CA VAL B 76 17.54 20.07 -15.62
C VAL B 76 17.55 19.02 -14.50
N ARG B 77 18.74 18.62 -14.10
CA ARG B 77 18.94 17.64 -13.03
C ARG B 77 17.90 16.53 -13.02
N THR B 78 17.72 15.88 -14.17
CA THR B 78 16.73 14.81 -14.27
C THR B 78 17.28 13.50 -14.80
N ALA B 79 16.86 12.40 -14.16
CA ALA B 79 17.27 11.06 -14.54
C ALA B 79 16.03 10.37 -15.10
N TYR B 80 16.23 9.53 -16.11
CA TYR B 80 15.11 8.84 -16.74
C TYR B 80 15.30 7.34 -16.76
N LEU B 81 14.17 6.63 -16.71
CA LEU B 81 14.15 5.19 -16.77
C LEU B 81 13.17 4.84 -17.87
N GLN B 82 13.65 4.19 -18.92
CA GLN B 82 12.77 3.79 -20.01
C GLN B 82 12.71 2.27 -20.08
N ILE B 83 11.51 1.74 -20.21
CA ILE B 83 11.31 0.29 -20.31
C ILE B 83 10.62 -0.03 -21.64
N ASN B 84 11.30 -0.83 -22.47
CA ASN B 84 10.77 -1.21 -23.78
C ASN B 84 10.07 -2.55 -23.77
N ASN B 85 9.14 -2.71 -24.70
CA ASN B 85 8.38 -3.93 -24.85
C ASN B 85 7.85 -4.43 -23.51
N LEU B 86 7.11 -3.57 -22.83
CA LEU B 86 6.53 -3.88 -21.53
C LEU B 86 5.75 -5.19 -21.52
N LYS B 87 5.84 -5.90 -20.41
CA LYS B 87 5.14 -7.15 -20.24
C LYS B 87 4.50 -7.09 -18.86
N ASN B 88 3.58 -8.00 -18.57
CA ASN B 88 2.92 -7.98 -17.28
C ASN B 88 3.87 -8.03 -16.08
N GLU B 89 5.00 -8.70 -16.21
CA GLU B 89 5.93 -8.76 -15.10
C GLU B 89 6.61 -7.41 -14.82
N ASP B 90 6.39 -6.43 -15.70
CA ASP B 90 6.94 -5.09 -15.50
C ASP B 90 5.98 -4.24 -14.68
N LEU B 91 4.79 -4.78 -14.43
CA LEU B 91 3.79 -4.06 -13.63
C LEU B 91 4.37 -3.96 -12.22
N ALA B 92 4.70 -2.74 -11.81
CA ALA B 92 5.27 -2.51 -10.50
C ALA B 92 5.54 -1.01 -10.30
N THR B 93 6.08 -0.67 -9.13
CA THR B 93 6.43 0.69 -8.80
C THR B 93 7.95 0.78 -8.92
N TYR B 94 8.42 1.85 -9.53
CA TYR B 94 9.85 2.06 -9.75
C TYR B 94 10.37 3.31 -9.02
N PHE B 95 11.42 3.13 -8.23
CA PHE B 95 12.01 4.24 -7.48
C PHE B 95 13.39 4.64 -7.97
N CYS B 96 13.68 5.94 -7.88
CA CYS B 96 15.02 6.42 -8.19
C CYS B 96 15.51 6.79 -6.79
N ALA B 97 16.78 6.58 -6.53
CA ALA B 97 17.33 6.91 -5.22
C ALA B 97 18.76 7.39 -5.38
N ARG B 98 19.14 8.37 -4.57
CA ARG B 98 20.48 8.93 -4.63
C ARG B 98 21.45 8.18 -3.71
N GLU B 99 22.69 8.03 -4.15
CA GLU B 99 23.72 7.39 -3.33
C GLU B 99 24.14 8.42 -2.28
N ARG B 100 24.18 7.99 -1.02
CA ARG B 100 24.50 8.87 0.10
C ARG B 100 25.83 9.59 0.07
N ASP B 101 26.79 9.04 -0.66
CA ASP B 101 28.11 9.64 -0.74
C ASP B 101 28.70 9.36 -2.12
N TYR B 102 29.93 9.81 -2.33
CA TYR B 102 30.61 9.59 -3.61
C TYR B 102 32.13 9.61 -3.44
N GLY B 103 32.84 9.34 -4.52
CA GLY B 103 34.28 9.34 -4.48
C GLY B 103 34.86 8.02 -4.97
N SER B 104 34.04 6.97 -4.94
CA SER B 104 34.49 5.65 -5.37
C SER B 104 33.61 5.08 -6.49
N ARG B 105 34.24 4.29 -7.37
CA ARG B 105 33.54 3.65 -8.48
C ARG B 105 34.07 2.22 -8.65
N TYR B 106 33.30 1.29 -8.11
CA TYR B 106 33.58 -0.15 -8.12
C TYR B 106 32.80 -0.54 -6.88
N ARG B 107 32.69 0.44 -5.99
CA ARG B 107 31.96 0.31 -4.73
C ARG B 107 30.69 1.14 -4.83
N GLY B 108 29.77 0.89 -3.91
CA GLY B 108 28.51 1.62 -3.91
C GLY B 108 28.26 2.25 -2.56
N TYR B 109 27.18 3.00 -2.45
CA TYR B 109 26.83 3.64 -1.18
C TYR B 109 25.34 3.45 -0.88
N ALA B 110 24.97 3.59 0.39
CA ALA B 110 23.59 3.44 0.82
C ALA B 110 22.71 4.50 0.15
N LEU B 111 21.43 4.19 -0.03
CA LEU B 111 20.50 5.12 -0.68
C LEU B 111 19.79 6.00 0.36
N ASP B 112 20.18 7.26 0.44
CA ASP B 112 19.58 8.15 1.43
C ASP B 112 18.33 8.91 1.03
N PHE B 113 18.29 9.44 -0.19
CA PHE B 113 17.11 10.15 -0.64
C PHE B 113 16.45 9.38 -1.77
N TRP B 114 15.15 9.17 -1.63
CA TRP B 114 14.34 8.41 -2.58
C TRP B 114 13.20 9.17 -3.24
N GLY B 115 12.93 8.85 -4.50
CA GLY B 115 11.82 9.48 -5.19
C GLY B 115 10.59 8.86 -4.53
N GLN B 116 9.39 9.38 -4.81
CA GLN B 116 8.19 8.81 -4.18
C GLN B 116 7.75 7.52 -4.88
N GLY B 117 8.33 7.24 -6.03
CA GLY B 117 8.00 6.04 -6.77
C GLY B 117 6.93 6.29 -7.83
N THR B 118 7.02 5.55 -8.94
CA THR B 118 6.07 5.67 -10.04
C THR B 118 5.48 4.31 -10.31
N THR B 119 4.16 4.19 -10.23
CA THR B 119 3.50 2.92 -10.48
C THR B 119 3.17 2.73 -11.95
N VAL B 120 3.65 1.62 -12.51
CA VAL B 120 3.39 1.30 -13.91
C VAL B 120 2.43 0.12 -14.00
N THR B 121 1.28 0.35 -14.63
CA THR B 121 0.29 -0.70 -14.82
C THR B 121 0.39 -1.14 -16.27
N VAL B 122 0.63 -2.43 -16.48
CA VAL B 122 0.74 -2.98 -17.84
C VAL B 122 -0.50 -3.81 -18.06
N SER B 123 -1.42 -3.30 -18.87
CA SER B 123 -2.67 -3.99 -19.14
C SER B 123 -3.27 -3.59 -20.48
N SER B 124 -4.20 -4.42 -20.95
CA SER B 124 -4.90 -4.16 -22.21
C SER B 124 -6.24 -3.53 -21.88
N ALA B 125 -6.68 -3.72 -20.63
CA ALA B 125 -7.96 -3.18 -20.16
C ALA B 125 -8.06 -1.69 -20.44
N THR B 126 -9.28 -1.23 -20.65
CA THR B 126 -9.50 0.18 -20.94
C THR B 126 -9.76 1.04 -19.72
N THR B 127 -9.48 2.33 -19.88
CA THR B 127 -9.71 3.31 -18.83
C THR B 127 -11.22 3.45 -18.66
N THR B 128 -11.67 3.40 -17.41
CA THR B 128 -13.09 3.49 -17.10
C THR B 128 -13.27 4.33 -15.84
N PRO B 129 -14.22 5.28 -15.84
CA PRO B 129 -14.41 6.08 -14.64
C PRO B 129 -15.17 5.28 -13.58
N PRO B 130 -15.04 5.68 -12.32
CA PRO B 130 -15.73 4.97 -11.24
C PRO B 130 -17.14 5.50 -10.99
N SER B 131 -17.95 4.70 -10.30
CA SER B 131 -19.28 5.12 -9.89
C SER B 131 -19.06 5.30 -8.40
N VAL B 132 -19.56 6.39 -7.83
CA VAL B 132 -19.38 6.63 -6.42
C VAL B 132 -20.71 6.50 -5.72
N TYR B 133 -20.76 5.60 -4.75
CA TYR B 133 -21.98 5.35 -4.02
C TYR B 133 -21.86 5.63 -2.53
N PRO B 134 -22.88 6.28 -1.96
CA PRO B 134 -22.92 6.63 -0.54
C PRO B 134 -23.30 5.39 0.25
N LEU B 135 -22.66 5.21 1.40
CA LEU B 135 -22.97 4.07 2.26
C LEU B 135 -23.51 4.61 3.58
N ALA B 136 -24.84 4.67 3.69
CA ALA B 136 -25.51 5.16 4.89
C ALA B 136 -26.14 3.99 5.64
N PRO B 137 -26.13 4.03 6.99
CA PRO B 137 -26.70 2.99 7.85
C PRO B 137 -28.09 2.58 7.42
N GLY B 138 -28.50 1.41 7.87
CA GLY B 138 -29.83 0.93 7.53
C GLY B 138 -30.89 1.53 8.41
N SER B 139 -32.11 1.65 7.87
CA SER B 139 -33.23 2.20 8.62
C SER B 139 -33.85 1.15 9.55
N GLY B 140 -33.37 1.15 10.80
CA GLY B 140 -33.83 0.22 11.81
C GLY B 140 -32.61 -0.37 12.52
N ALA B 141 -31.48 0.31 12.41
CA ALA B 141 -30.23 -0.11 13.02
C ALA B 141 -30.00 0.83 14.19
N GLY B 142 -29.88 2.12 13.85
CA GLY B 142 -29.68 3.18 14.82
C GLY B 142 -28.98 2.88 16.12
N THR B 143 -29.37 3.60 17.17
CA THR B 143 -28.80 3.46 18.50
C THR B 143 -27.32 3.77 18.48
N ASN B 144 -26.74 3.92 19.66
CA ASN B 144 -25.30 4.15 19.81
C ASN B 144 -24.72 5.55 19.88
N SER B 145 -23.47 5.57 20.34
CA SER B 145 -22.69 6.79 20.50
C SER B 145 -22.07 7.18 19.15
N MET B 146 -21.50 6.20 18.46
CA MET B 146 -20.86 6.44 17.16
C MET B 146 -21.70 5.89 16.02
N VAL B 147 -21.46 6.41 14.82
CA VAL B 147 -22.15 5.95 13.62
C VAL B 147 -21.10 5.83 12.53
N THR B 148 -21.12 4.71 11.81
CA THR B 148 -20.16 4.48 10.76
C THR B 148 -20.79 4.71 9.38
N LEU B 149 -20.12 5.50 8.56
CA LEU B 149 -20.57 5.81 7.21
C LEU B 149 -19.51 5.32 6.24
N GLY B 150 -19.82 5.37 4.95
CA GLY B 150 -18.86 4.92 3.98
C GLY B 150 -19.16 5.35 2.56
N CYS B 151 -18.24 5.02 1.66
CA CYS B 151 -18.38 5.32 0.25
C CYS B 151 -17.81 4.15 -0.53
N LEU B 152 -18.52 3.76 -1.58
CA LEU B 152 -18.10 2.66 -2.44
C LEU B 152 -17.71 3.25 -3.78
N VAL B 153 -16.46 3.02 -4.18
CA VAL B 153 -15.94 3.52 -5.46
C VAL B 153 -15.78 2.27 -6.34
N LYS B 154 -16.72 2.07 -7.25
CA LYS B 154 -16.76 0.86 -8.07
C LYS B 154 -16.57 1.00 -9.58
N GLY B 155 -16.02 -0.05 -10.18
CA GLY B 155 -15.84 -0.11 -11.63
C GLY B 155 -14.90 0.85 -12.34
N TYR B 156 -13.75 1.14 -11.75
CA TYR B 156 -12.82 2.06 -12.41
C TYR B 156 -11.53 1.36 -12.83
N PHE B 157 -10.78 2.04 -13.68
CA PHE B 157 -9.51 1.54 -14.17
C PHE B 157 -8.83 2.69 -14.89
N PRO B 158 -7.53 2.88 -14.65
CA PRO B 158 -6.69 2.08 -13.75
C PRO B 158 -6.57 2.79 -12.41
N GLU B 159 -5.62 2.35 -11.60
CA GLU B 159 -5.36 3.00 -10.32
C GLU B 159 -4.59 4.27 -10.70
N PRO B 160 -4.60 5.28 -9.82
CA PRO B 160 -5.27 5.31 -8.52
C PRO B 160 -6.52 6.18 -8.49
N VAL B 161 -7.12 6.22 -7.30
CA VAL B 161 -8.26 7.08 -7.02
C VAL B 161 -7.90 7.59 -5.64
N THR B 162 -8.41 8.75 -5.28
CA THR B 162 -8.16 9.28 -3.97
C THR B 162 -9.53 9.42 -3.34
N VAL B 163 -9.60 9.21 -2.02
CA VAL B 163 -10.85 9.32 -1.30
C VAL B 163 -10.57 9.97 0.04
N THR B 164 -11.21 11.10 0.28
CA THR B 164 -11.06 11.82 1.54
C THR B 164 -12.46 12.14 2.04
N TRP B 165 -12.56 12.61 3.29
CA TRP B 165 -13.86 12.94 3.84
C TRP B 165 -13.91 14.39 4.26
N ASN B 166 -14.96 15.08 3.84
CA ASN B 166 -15.11 16.51 4.12
C ASN B 166 -13.82 17.24 3.74
N SER B 167 -13.36 17.00 2.53
CA SER B 167 -12.14 17.62 1.99
C SER B 167 -10.91 17.45 2.86
N GLY B 168 -10.84 16.36 3.60
CA GLY B 168 -9.69 16.15 4.46
C GLY B 168 -9.87 16.64 5.88
N SER B 169 -10.94 17.38 6.16
CA SER B 169 -11.16 17.88 7.52
C SER B 169 -11.58 16.75 8.47
N LEU B 170 -11.89 15.59 7.89
CA LEU B 170 -12.26 14.42 8.65
C LEU B 170 -11.21 13.36 8.36
N SER B 171 -10.39 13.04 9.34
CA SER B 171 -9.35 12.05 9.13
C SER B 171 -9.30 11.03 10.26
N SER B 172 -9.80 11.42 11.42
CA SER B 172 -9.83 10.52 12.56
C SER B 172 -10.99 9.53 12.38
N GLY B 173 -10.73 8.25 12.60
CA GLY B 173 -11.77 7.26 12.45
C GLY B 173 -12.01 6.86 11.00
N VAL B 174 -11.04 7.15 10.14
CA VAL B 174 -11.16 6.82 8.73
C VAL B 174 -10.34 5.59 8.35
N HIS B 175 -10.92 4.77 7.49
CA HIS B 175 -10.28 3.56 6.99
C HIS B 175 -10.51 3.50 5.49
N THR B 176 -9.45 3.51 4.68
CA THR B 176 -9.63 3.37 3.25
C THR B 176 -9.06 2.02 2.89
N PHE B 177 -9.90 1.17 2.30
CA PHE B 177 -9.48 -0.17 1.95
C PHE B 177 -8.86 -0.27 0.56
N PRO B 178 -7.70 -0.91 0.46
CA PRO B 178 -6.98 -1.09 -0.81
C PRO B 178 -7.90 -1.63 -1.89
N ALA B 179 -7.77 -1.07 -3.09
CA ALA B 179 -8.59 -1.49 -4.22
C ALA B 179 -8.31 -2.94 -4.59
N VAL B 180 -9.34 -3.63 -5.04
CA VAL B 180 -9.21 -5.02 -5.46
C VAL B 180 -9.64 -5.09 -6.93
N LEU B 181 -8.81 -5.73 -7.75
CA LEU B 181 -9.11 -5.85 -9.17
C LEU B 181 -9.93 -7.10 -9.45
N GLN B 182 -11.01 -6.92 -10.20
CA GLN B 182 -11.88 -8.01 -10.58
C GLN B 182 -12.41 -7.76 -11.99
N SER B 183 -12.02 -8.62 -12.91
CA SER B 183 -12.45 -8.49 -14.30
C SER B 183 -12.05 -7.14 -14.89
N ASP B 184 -10.77 -6.79 -14.71
CA ASP B 184 -10.22 -5.55 -15.23
C ASP B 184 -10.85 -4.27 -14.72
N LEU B 185 -11.61 -4.39 -13.64
CA LEU B 185 -12.28 -3.25 -13.01
C LEU B 185 -11.90 -3.23 -11.54
N TYR B 186 -11.60 -2.04 -11.01
CA TYR B 186 -11.23 -1.91 -9.61
C TYR B 186 -12.41 -1.47 -8.77
N THR B 187 -12.42 -1.94 -7.53
CA THR B 187 -13.44 -1.56 -6.57
C THR B 187 -12.74 -1.25 -5.27
N LEU B 188 -13.14 -0.17 -4.61
CA LEU B 188 -12.56 0.17 -3.32
C LEU B 188 -13.61 0.89 -2.50
N SER B 189 -13.43 0.83 -1.19
CA SER B 189 -14.36 1.48 -0.28
C SER B 189 -13.60 2.20 0.82
N SER B 190 -14.30 3.04 1.57
CA SER B 190 -13.69 3.78 2.65
C SER B 190 -14.77 3.99 3.71
N SER B 191 -14.38 3.88 4.98
CA SER B 191 -15.34 4.05 6.05
C SER B 191 -14.89 5.19 6.95
N VAL B 192 -15.87 5.84 7.57
CA VAL B 192 -15.59 6.93 8.50
C VAL B 192 -16.57 6.80 9.67
N THR B 193 -16.07 6.98 10.89
CA THR B 193 -16.91 6.89 12.07
C THR B 193 -16.91 8.22 12.79
N VAL B 194 -18.10 8.78 12.99
CA VAL B 194 -18.25 10.06 13.67
C VAL B 194 -19.31 9.96 14.77
N PRO B 195 -19.34 10.93 15.69
CA PRO B 195 -20.32 10.93 16.78
C PRO B 195 -21.74 10.92 16.20
N SER B 196 -22.59 10.05 16.73
CA SER B 196 -23.97 9.98 16.24
C SER B 196 -24.70 11.28 16.52
N SER B 197 -24.10 12.12 17.35
CA SER B 197 -24.71 13.41 17.68
C SER B 197 -24.33 14.46 16.64
N THR B 198 -23.45 14.10 15.71
CA THR B 198 -23.02 15.04 14.69
C THR B 198 -23.52 14.72 13.28
N TRP B 199 -23.81 13.45 13.00
CA TRP B 199 -24.37 13.08 11.70
C TRP B 199 -25.71 12.48 12.10
N PRO B 200 -26.77 12.74 11.33
CA PRO B 200 -26.90 13.53 10.09
C PRO B 200 -26.96 15.06 10.24
N SER B 201 -26.87 15.56 11.47
CA SER B 201 -26.94 17.00 11.73
C SER B 201 -25.91 17.82 10.95
N GLU B 202 -24.66 17.37 10.96
CA GLU B 202 -23.58 18.05 10.26
C GLU B 202 -23.24 17.23 9.03
N THR B 203 -23.00 17.90 7.92
CA THR B 203 -22.70 17.24 6.65
C THR B 203 -21.43 16.42 6.62
N VAL B 204 -21.54 15.21 6.06
CA VAL B 204 -20.41 14.32 5.89
C VAL B 204 -20.41 13.91 4.42
N THR B 205 -19.31 14.20 3.71
CA THR B 205 -19.21 13.84 2.31
C THR B 205 -17.86 13.23 1.97
N CYS B 206 -17.84 12.25 1.07
CA CYS B 206 -16.57 11.69 0.70
C CYS B 206 -16.21 12.31 -0.64
N ASN B 207 -14.95 12.73 -0.74
CA ASN B 207 -14.46 13.35 -1.96
C ASN B 207 -13.64 12.33 -2.71
N VAL B 208 -14.12 11.98 -3.90
CA VAL B 208 -13.47 10.97 -4.72
C VAL B 208 -12.96 11.54 -6.04
N ALA B 209 -11.74 11.15 -6.40
CA ALA B 209 -11.14 11.60 -7.65
C ALA B 209 -10.44 10.45 -8.35
N HIS B 210 -10.60 10.41 -9.67
CA HIS B 210 -9.96 9.40 -10.51
C HIS B 210 -9.26 10.18 -11.61
N PRO B 211 -7.99 10.55 -11.38
CA PRO B 211 -7.20 11.31 -12.36
C PRO B 211 -7.31 10.84 -13.81
N ALA B 212 -7.12 9.53 -14.02
CA ALA B 212 -7.15 8.95 -15.37
C ALA B 212 -8.37 9.36 -16.18
N SER B 213 -9.52 9.45 -15.51
CA SER B 213 -10.76 9.82 -16.19
C SER B 213 -11.21 11.22 -15.82
N SER B 214 -10.36 11.94 -15.09
CA SER B 214 -10.64 13.29 -14.64
C SER B 214 -11.95 13.35 -13.85
N THR B 215 -12.32 12.24 -13.22
CA THR B 215 -13.53 12.18 -12.43
C THR B 215 -13.35 12.82 -11.06
N LYS B 216 -14.32 13.63 -10.64
CA LYS B 216 -14.29 14.27 -9.33
C LYS B 216 -15.70 14.29 -8.79
N VAL B 217 -15.93 13.50 -7.75
CA VAL B 217 -17.24 13.39 -7.12
C VAL B 217 -17.19 13.72 -5.63
N ASP B 218 -18.10 14.58 -5.19
CA ASP B 218 -18.20 14.94 -3.78
C ASP B 218 -19.59 14.47 -3.39
N LYS B 219 -19.64 13.25 -2.86
CA LYS B 219 -20.89 12.59 -2.49
C LYS B 219 -21.28 12.75 -1.03
N LYS B 220 -22.32 13.55 -0.78
CA LYS B 220 -22.80 13.77 0.58
C LYS B 220 -23.53 12.51 1.04
N ILE B 221 -23.29 12.10 2.28
CA ILE B 221 -23.94 10.93 2.84
C ILE B 221 -25.24 11.35 3.52
N VAL B 222 -26.37 10.96 2.95
CA VAL B 222 -27.67 11.33 3.53
C VAL B 222 -28.40 10.16 4.14
N PRO B 223 -29.18 10.41 5.21
CA PRO B 223 -29.95 9.36 5.87
C PRO B 223 -30.81 8.63 4.83
N ARG B 224 -31.29 7.44 5.18
CA ARG B 224 -32.10 6.66 4.24
C ARG B 224 -33.61 6.85 4.30
#